data_7PZA
#
_entry.id   7PZA
#
_cell.length_a   50.100
_cell.length_b   69.930
_cell.length_c   200.390
_cell.angle_alpha   90.000
_cell.angle_beta   90.000
_cell.angle_gamma   90.000
#
_symmetry.space_group_name_H-M   'P 21 21 21'
#
loop_
_entity.id
_entity.type
_entity.pdbx_description
1 polymer 'Putative cAMP-binding protein-catabolite gene activator'
2 polymer "DNA (5'-D(*CP*TP*AP*GP*GP*TP*AP*AP*CP*AP*TP*TP*AP*CP*TP*CP*GP)-3')"
3 polymer "DNA (5'-D(*GP*CP*GP*AP*GP*TP*AP*AP*TP*GP*TP*TP*AP*C)-3')"
4 non-polymer "ADENOSINE-3',5'-CYCLIC-MONOPHOSPHATE"
5 non-polymer 'MAGNESIUM ION'
6 water water
#
loop_
_entity_poly.entity_id
_entity_poly.type
_entity_poly.pdbx_seq_one_letter_code
_entity_poly.pdbx_strand_id
1 'polypeptide(L)'
;MAEVIRSSAFWRSFPIFEEFDSETLCELSGIASYRKWSAGTVIFQRGDQGDYMIVVVSGRIKLSLFTPQGRELMLRQHEA
GALFGEMALLDGQPRSADATAVTAAEGYVIGKKDFLALITQRPKTAEAVIRFLCAQLRDTTDRLETIALYDLNARVARFF
LATLRQIHGSEMPQSANLRLTLSQTDIASILGASRPKVNRAILSLEESGAIKRADGIICCNVGRLLSIADPEEDLEHHHH
HHHH
;
A,B
2 'polydeoxyribonucleotide' (DC)(DT)(DA)(DG)(DG)(DT)(DA)(DA)(DC)(DA)(DT)(DT)(DA)(DC)(DT)(DC)(DG)(DC) C,E
3 'polydeoxyribonucleotide' (DG)(DC)(DG)(DA)(DG)(DT)(DA)(DA)(DT)(DG)(DT)(DT)(DA)(DC) D,F
#
# COMPACT_ATOMS: atom_id res chain seq x y z
N SER A 8 -17.80 21.19 18.82
CA SER A 8 -16.89 20.06 18.43
C SER A 8 -16.98 19.51 16.95
N ALA A 9 -17.31 20.37 15.99
CA ALA A 9 -17.01 20.19 14.58
C ALA A 9 -15.53 20.30 14.28
N PHE A 10 -14.71 20.31 15.34
CA PHE A 10 -13.27 20.30 15.24
C PHE A 10 -12.77 18.93 14.92
N TRP A 11 -13.44 17.90 15.46
CA TRP A 11 -13.12 16.54 15.13
C TRP A 11 -13.42 16.19 13.67
N ARG A 12 -14.22 16.98 12.94
CA ARG A 12 -14.38 16.69 11.52
C ARG A 12 -13.15 17.11 10.66
N SER A 13 -12.14 17.78 11.22
CA SER A 13 -11.02 18.23 10.38
C SER A 13 -10.08 17.09 10.01
N PHE A 14 -10.05 16.02 10.84
CA PHE A 14 -9.09 14.94 10.65
C PHE A 14 -9.62 13.86 9.72
N PRO A 15 -8.75 13.18 8.97
CA PRO A 15 -9.21 12.02 8.16
C PRO A 15 -9.87 10.96 9.04
N ILE A 16 -10.77 10.15 8.45
CA ILE A 16 -11.46 9.05 9.13
C ILE A 16 -12.60 9.60 9.98
N PHE A 17 -12.25 10.43 10.98
CA PHE A 17 -13.19 11.12 11.85
C PHE A 17 -14.09 12.05 11.08
N GLU A 18 -13.60 12.79 10.08
CA GLU A 18 -14.54 13.38 9.12
C GLU A 18 -15.53 12.28 8.74
N GLU A 19 -16.60 12.55 8.01
CA GLU A 19 -17.33 11.33 7.62
C GLU A 19 -17.98 10.59 8.80
N PHE A 20 -18.06 11.17 9.99
CA PHE A 20 -18.78 10.53 11.09
C PHE A 20 -20.12 11.24 11.28
N ASP A 21 -21.12 10.45 11.71
CA ASP A 21 -22.29 10.99 12.41
C ASP A 21 -21.90 11.94 13.53
N SER A 22 -22.75 12.95 13.74
CA SER A 22 -22.45 13.88 14.83
C SER A 22 -22.46 13.22 16.20
N GLU A 23 -23.13 12.09 16.43
CA GLU A 23 -23.19 11.61 17.82
C GLU A 23 -21.82 11.19 18.30
N THR A 24 -21.27 10.16 17.64
CA THR A 24 -19.93 9.67 17.93
C THR A 24 -18.89 10.78 17.83
N LEU A 25 -18.93 11.60 16.78
CA LEU A 25 -18.01 12.74 16.66
C LEU A 25 -17.91 13.64 17.88
N CYS A 26 -19.02 14.29 18.27
CA CYS A 26 -18.77 15.35 19.24
C CYS A 26 -18.46 14.72 20.56
N GLU A 27 -19.40 13.91 21.08
CA GLU A 27 -19.07 12.94 22.12
C GLU A 27 -17.68 12.34 22.00
N LEU A 28 -17.78 11.26 21.28
CA LEU A 28 -17.48 10.02 21.99
C LEU A 28 -15.94 9.79 21.87
N SER A 29 -15.34 11.00 21.80
CA SER A 29 -14.07 11.44 21.36
C SER A 29 -13.56 12.40 22.54
N GLY A 30 -14.45 12.73 23.56
CA GLY A 30 -14.52 12.13 24.88
C GLY A 30 -13.26 11.45 25.41
N ILE A 31 -12.42 10.96 24.47
CA ILE A 31 -11.36 10.01 24.68
C ILE A 31 -10.02 10.41 24.07
N ALA A 32 -9.79 11.71 23.94
CA ALA A 32 -8.46 12.22 23.64
C ALA A 32 -7.82 12.73 24.91
N SER A 33 -6.52 12.43 25.07
CA SER A 33 -5.63 13.17 25.98
C SER A 33 -4.75 14.12 25.18
N TYR A 34 -4.41 15.28 25.72
CA TYR A 34 -3.38 16.12 25.13
C TYR A 34 -2.00 15.43 25.25
N ARG A 35 -1.14 15.64 24.26
CA ARG A 35 0.28 15.41 24.49
C ARG A 35 1.16 16.26 23.57
N LYS A 36 2.37 16.66 24.01
CA LYS A 36 3.28 17.39 23.12
C LYS A 36 4.68 16.77 23.12
N TRP A 37 5.39 17.04 22.01
CA TRP A 37 6.72 16.51 21.77
C TRP A 37 7.64 17.63 21.31
N SER A 38 8.80 17.80 22.00
CA SER A 38 9.73 18.88 21.60
C SER A 38 10.27 18.66 20.18
N ALA A 39 10.71 19.73 19.55
CA ALA A 39 11.37 19.62 18.25
C ALA A 39 12.61 18.72 18.32
N GLY A 40 12.62 17.68 17.48
CA GLY A 40 13.69 16.72 17.34
C GLY A 40 13.68 15.52 18.26
N THR A 41 12.54 14.81 18.40
CA THR A 41 12.38 13.70 19.37
C THR A 41 11.52 12.57 18.80
N VAL A 42 11.55 11.39 19.42
CA VAL A 42 10.72 10.27 18.97
C VAL A 42 9.43 10.20 19.73
N ILE A 43 8.35 9.95 18.99
CA ILE A 43 7.09 9.56 19.59
C ILE A 43 7.17 8.06 19.84
N PHE A 44 7.31 7.29 18.74
CA PHE A 44 7.50 5.85 18.85
C PHE A 44 8.40 5.34 17.73
N GLN A 45 8.82 4.10 17.87
CA GLN A 45 9.74 3.45 16.96
C GLN A 45 9.03 2.34 16.20
N ARG A 46 9.69 1.83 15.17
CA ARG A 46 9.01 0.88 14.32
C ARG A 46 8.88 -0.46 14.99
N GLY A 47 9.84 -0.87 15.79
CA GLY A 47 9.57 -2.04 16.62
C GLY A 47 8.27 -2.05 17.44
N ASP A 48 7.80 -0.88 17.90
CA ASP A 48 7.06 -0.70 19.14
C ASP A 48 5.63 -1.27 19.11
N GLN A 49 5.03 -1.34 20.30
CA GLN A 49 3.64 -1.75 20.49
C GLN A 49 2.77 -0.52 20.41
N GLY A 50 1.81 -0.55 19.52
CA GLY A 50 0.98 0.61 19.38
C GLY A 50 -0.44 0.41 19.87
N ASP A 51 -0.79 0.88 21.07
CA ASP A 51 -2.17 0.78 21.55
C ASP A 51 -2.76 2.18 21.69
N TYR A 52 -2.34 3.05 20.80
CA TYR A 52 -2.77 4.42 20.92
C TYR A 52 -2.56 5.00 19.53
N MET A 53 -3.42 5.94 19.14
CA MET A 53 -3.36 6.54 17.82
C MET A 53 -3.32 8.06 17.98
N ILE A 54 -2.50 8.74 17.19
CA ILE A 54 -2.21 10.14 17.37
C ILE A 54 -2.98 10.96 16.33
N VAL A 55 -3.38 12.18 16.70
CA VAL A 55 -4.13 13.10 15.84
C VAL A 55 -3.47 14.48 16.02
N VAL A 56 -2.95 15.08 14.92
CA VAL A 56 -1.98 16.21 15.04
C VAL A 56 -2.66 17.57 15.05
N VAL A 57 -2.39 18.35 16.10
CA VAL A 57 -2.93 19.71 16.22
C VAL A 57 -1.92 20.77 15.76
N SER A 58 -0.69 20.71 16.27
CA SER A 58 0.32 21.70 15.89
C SER A 58 1.63 20.99 15.60
N GLY A 59 2.43 21.52 14.63
CA GLY A 59 3.77 21.01 14.37
C GLY A 59 3.90 20.10 13.15
N ARG A 60 5.10 19.51 13.01
CA ARG A 60 5.38 18.63 11.87
C ARG A 60 5.94 17.34 12.45
N ILE A 61 5.35 16.21 12.08
CA ILE A 61 5.85 14.91 12.51
C ILE A 61 6.09 14.04 11.29
N LYS A 62 7.27 13.49 11.23
CA LYS A 62 7.67 12.68 10.10
C LYS A 62 7.44 11.23 10.47
N LEU A 63 6.76 10.51 9.59
CA LEU A 63 6.70 9.05 9.59
C LEU A 63 7.66 8.53 8.54
N SER A 64 8.60 7.66 8.98
CA SER A 64 9.72 7.21 8.16
C SER A 64 10.11 5.78 8.52
N LEU A 65 10.65 5.04 7.53
CA LEU A 65 11.25 3.71 7.66
C LEU A 65 12.75 3.85 7.68
N PHE A 66 13.41 3.25 8.69
CA PHE A 66 14.87 3.24 8.80
C PHE A 66 15.39 1.84 8.66
N THR A 67 16.50 1.70 7.91
CA THR A 67 17.09 0.37 7.77
C THR A 67 18.37 0.21 8.58
N PRO A 68 18.66 -1.03 9.02
CA PRO A 68 19.92 -1.28 9.73
C PRO A 68 21.12 -0.65 9.04
N GLN A 69 21.18 -0.70 7.69
CA GLN A 69 22.30 -0.07 6.99
C GLN A 69 22.43 1.42 7.35
N GLY A 70 21.35 2.06 7.81
CA GLY A 70 21.29 3.50 8.07
C GLY A 70 20.36 4.31 7.15
N ARG A 71 19.70 3.68 6.18
CA ARG A 71 18.97 4.46 5.15
C ARG A 71 17.53 4.77 5.56
N GLU A 72 16.98 5.84 4.97
CA GLU A 72 15.71 6.39 5.42
C GLU A 72 14.76 6.47 4.23
N LEU A 73 13.48 6.14 4.43
CA LEU A 73 12.38 6.40 3.48
C LEU A 73 11.37 7.27 4.21
N MET A 74 11.26 8.55 3.90
CA MET A 74 10.21 9.35 4.55
C MET A 74 8.85 8.96 3.98
N LEU A 75 7.99 8.43 4.85
CA LEU A 75 6.66 8.01 4.40
C LEU A 75 5.75 9.23 4.30
N ARG A 76 5.71 10.06 5.35
CA ARG A 76 4.93 11.29 5.27
C ARG A 76 5.50 12.34 6.21
N GLN A 77 5.20 13.61 5.91
CA GLN A 77 5.34 14.74 6.83
C GLN A 77 3.94 15.23 7.18
N HIS A 78 3.47 14.95 8.40
CA HIS A 78 2.11 15.32 8.79
C HIS A 78 2.12 16.60 9.60
N GLU A 79 1.10 17.42 9.36
CA GLU A 79 1.03 18.63 10.14
C GLU A 79 -0.36 18.71 10.75
N ALA A 80 -0.92 19.90 10.93
CA ALA A 80 -2.25 19.95 11.52
C ALA A 80 -3.27 19.26 10.63
N GLY A 81 -4.10 18.40 11.25
CA GLY A 81 -5.23 17.80 10.57
C GLY A 81 -4.97 16.41 10.07
N ALA A 82 -4.02 15.71 10.70
CA ALA A 82 -3.48 14.46 10.24
C ALA A 82 -3.70 13.39 11.29
N LEU A 83 -3.61 12.16 10.85
CA LEU A 83 -3.98 11.04 11.70
C LEU A 83 -3.01 9.91 11.45
N PHE A 84 -2.41 9.37 12.51
CA PHE A 84 -1.38 8.40 12.23
C PHE A 84 -1.34 7.42 13.43
N GLY A 85 -0.77 6.25 13.23
CA GLY A 85 -0.76 5.28 14.31
C GLY A 85 -2.00 4.43 14.43
N GLU A 86 -2.82 4.36 13.41
CA GLU A 86 -4.06 3.64 13.48
C GLU A 86 -3.93 2.20 13.02
N MET A 87 -2.86 1.81 12.31
CA MET A 87 -2.81 0.44 11.80
C MET A 87 -2.60 -0.55 12.93
N ALA A 88 -1.60 -0.30 13.78
CA ALA A 88 -1.38 -1.19 14.92
C ALA A 88 -2.54 -1.14 15.89
N LEU A 89 -3.36 -0.11 15.86
CA LEU A 89 -4.61 -0.17 16.61
C LEU A 89 -5.53 -1.25 16.06
N LEU A 90 -5.90 -1.13 14.79
CA LEU A 90 -6.93 -2.00 14.20
C LEU A 90 -6.49 -3.44 14.14
N ASP A 91 -5.23 -3.63 13.93
CA ASP A 91 -4.56 -4.85 13.55
C ASP A 91 -3.57 -5.20 14.66
N GLY A 92 -3.48 -6.43 15.09
CA GLY A 92 -2.80 -6.56 16.37
C GLY A 92 -1.34 -6.16 16.35
N GLN A 93 -0.81 -5.90 15.14
CA GLN A 93 0.60 -5.96 14.81
C GLN A 93 1.38 -4.77 15.36
N PRO A 94 2.71 -4.87 15.42
CA PRO A 94 3.49 -3.74 15.91
C PRO A 94 3.37 -2.55 14.96
N ARG A 95 3.88 -1.41 15.39
CA ARG A 95 3.99 -0.23 14.55
C ARG A 95 4.75 -0.58 13.27
N SER A 96 4.35 0.07 12.20
CA SER A 96 4.82 -0.20 10.87
C SER A 96 5.78 0.87 10.34
N ALA A 97 5.94 1.94 11.10
CA ALA A 97 6.90 2.95 10.74
C ALA A 97 7.33 3.64 12.00
N ASP A 98 8.08 4.71 11.84
CA ASP A 98 8.77 5.36 12.92
C ASP A 98 8.28 6.81 12.90
N ALA A 99 7.87 7.33 14.06
CA ALA A 99 7.29 8.66 14.12
C ALA A 99 8.20 9.56 14.94
N THR A 100 8.66 10.62 14.31
CA THR A 100 9.66 11.51 14.85
C THR A 100 9.00 12.86 14.78
N ALA A 101 9.08 13.66 15.84
CA ALA A 101 8.66 15.06 15.73
C ALA A 101 9.85 15.82 15.18
N VAL A 102 9.66 16.56 14.08
CA VAL A 102 10.77 17.30 13.51
C VAL A 102 10.84 18.70 14.11
N THR A 103 9.67 19.27 14.38
CA THR A 103 9.48 20.55 15.07
C THR A 103 8.58 20.34 16.27
N ALA A 104 8.52 21.34 17.13
CA ALA A 104 7.71 21.25 18.33
C ALA A 104 6.27 20.94 17.94
N ALA A 105 5.74 19.85 18.46
CA ALA A 105 4.46 19.39 18.01
C ALA A 105 3.58 19.09 19.21
N GLU A 106 2.28 19.20 18.98
CA GLU A 106 1.25 18.85 19.95
C GLU A 106 0.15 18.07 19.23
N GLY A 107 -0.44 17.12 19.94
CA GLY A 107 -1.53 16.36 19.39
C GLY A 107 -2.47 15.86 20.47
N TYR A 108 -3.37 14.97 20.06
CA TYR A 108 -4.27 14.30 20.96
C TYR A 108 -4.18 12.80 20.70
N VAL A 109 -4.16 12.01 21.77
CA VAL A 109 -3.93 10.57 21.68
C VAL A 109 -5.25 9.87 21.95
N ILE A 110 -5.49 8.72 21.30
CA ILE A 110 -6.71 7.96 21.55
C ILE A 110 -6.37 6.49 21.77
N GLY A 111 -6.97 5.90 22.79
CA GLY A 111 -6.57 4.58 23.21
C GLY A 111 -7.12 3.52 22.31
N LYS A 112 -6.49 2.35 22.36
CA LYS A 112 -6.98 1.24 21.55
C LYS A 112 -8.39 0.81 21.96
N LYS A 113 -8.59 0.54 23.27
CA LYS A 113 -9.85 -0.07 23.74
C LYS A 113 -11.03 0.86 23.48
N ASP A 114 -10.86 2.15 23.78
CA ASP A 114 -11.90 3.15 23.51
C ASP A 114 -12.24 3.22 22.04
N PHE A 115 -11.21 3.42 21.21
CA PHE A 115 -11.43 3.55 19.78
C PHE A 115 -12.28 2.40 19.29
N LEU A 116 -11.71 1.21 19.40
CA LEU A 116 -12.32 0.02 18.86
C LEU A 116 -13.73 -0.15 19.40
N ALA A 117 -13.94 -0.03 20.72
CA ALA A 117 -15.31 -0.05 21.26
C ALA A 117 -16.21 0.89 20.48
N LEU A 118 -15.71 2.09 20.12
CA LEU A 118 -16.50 3.06 19.36
C LEU A 118 -16.84 2.58 17.96
N ILE A 119 -15.83 2.00 17.27
CA ILE A 119 -16.11 1.29 16.02
C ILE A 119 -17.21 0.26 16.19
N THR A 120 -17.06 -0.63 17.15
CA THR A 120 -18.01 -1.74 17.13
C THR A 120 -19.36 -1.32 17.69
N GLN A 121 -19.42 -0.17 18.35
CA GLN A 121 -20.68 0.39 18.85
C GLN A 121 -21.48 1.07 17.75
N ARG A 122 -20.88 1.97 16.96
CA ARG A 122 -21.56 2.56 15.81
C ARG A 122 -20.93 2.08 14.58
N PRO A 123 -21.41 0.95 13.95
CA PRO A 123 -20.59 0.22 13.01
C PRO A 123 -20.51 0.80 11.62
N LYS A 124 -21.37 1.72 11.23
CA LYS A 124 -21.06 2.39 9.98
C LYS A 124 -19.87 3.38 10.09
N THR A 125 -19.26 3.52 11.26
CA THR A 125 -17.98 4.19 11.27
C THR A 125 -16.89 3.28 10.73
N ALA A 126 -17.02 1.96 10.91
CA ALA A 126 -16.10 1.03 10.26
C ALA A 126 -15.97 1.38 8.80
N GLU A 127 -17.10 1.67 8.20
CA GLU A 127 -17.18 1.97 6.80
C GLU A 127 -16.24 3.12 6.49
N ALA A 128 -16.36 4.24 7.23
CA ALA A 128 -15.37 5.32 7.12
C ALA A 128 -13.95 4.78 7.14
N VAL A 129 -13.58 4.10 8.23
CA VAL A 129 -12.21 3.61 8.35
C VAL A 129 -11.79 2.81 7.12
N ILE A 130 -12.66 1.98 6.58
CA ILE A 130 -12.28 1.19 5.41
C ILE A 130 -11.99 2.11 4.21
N ARG A 131 -12.89 3.06 3.92
CA ARG A 131 -12.61 3.96 2.82
C ARG A 131 -11.27 4.67 2.98
N PHE A 132 -10.83 4.86 4.22
CA PHE A 132 -9.51 5.39 4.49
C PHE A 132 -8.43 4.36 4.12
N LEU A 133 -8.53 3.12 4.63
CA LEU A 133 -7.45 2.19 4.32
C LEU A 133 -7.32 1.92 2.81
N CYS A 134 -8.44 1.77 2.12
CA CYS A 134 -8.39 1.74 0.65
C CYS A 134 -7.61 2.91 0.07
N ALA A 135 -8.00 4.13 0.46
CA ALA A 135 -7.30 5.32 0.03
C ALA A 135 -5.80 5.11 0.21
N GLN A 136 -5.37 4.72 1.43
CA GLN A 136 -3.94 4.55 1.67
C GLN A 136 -3.33 3.53 0.71
N LEU A 137 -3.98 2.39 0.59
CA LEU A 137 -3.46 1.32 -0.25
C LEU A 137 -3.22 1.84 -1.66
N ARG A 138 -4.16 2.61 -2.21
CA ARG A 138 -3.99 3.18 -3.55
C ARG A 138 -2.78 4.10 -3.58
N ASP A 139 -2.80 5.12 -2.71
CA ASP A 139 -1.66 6.02 -2.52
C ASP A 139 -0.37 5.25 -2.53
N THR A 140 -0.33 4.16 -1.76
CA THR A 140 0.97 3.53 -1.59
C THR A 140 1.35 2.74 -2.84
N THR A 141 0.38 2.04 -3.45
CA THR A 141 0.72 1.36 -4.68
C THR A 141 1.08 2.37 -5.76
N ASP A 142 0.49 3.60 -5.77
CA ASP A 142 0.93 4.44 -6.88
C ASP A 142 2.35 4.93 -6.62
N ARG A 143 2.69 5.19 -5.35
CA ARG A 143 4.08 5.43 -4.99
C ARG A 143 4.97 4.33 -5.52
N LEU A 144 4.56 3.08 -5.35
CA LEU A 144 5.45 1.95 -5.66
C LEU A 144 5.68 1.86 -7.16
N GLU A 145 4.59 1.95 -7.91
CA GLU A 145 4.71 2.15 -9.34
C GLU A 145 5.58 3.35 -9.67
N THR A 146 5.31 4.54 -9.07
CA THR A 146 6.21 5.65 -9.38
C THR A 146 7.66 5.26 -9.19
N ILE A 147 8.00 4.60 -8.08
CA ILE A 147 9.43 4.46 -7.83
C ILE A 147 10.00 3.43 -8.76
N ALA A 148 9.20 2.48 -9.24
CA ALA A 148 9.68 1.33 -9.98
C ALA A 148 9.75 1.56 -11.48
N LEU A 149 8.69 2.12 -12.09
CA LEU A 149 8.62 2.21 -13.55
C LEU A 149 9.05 3.55 -14.11
N TYR A 150 9.42 4.53 -13.29
CA TYR A 150 9.74 5.81 -13.85
C TYR A 150 11.15 6.25 -13.44
N ASP A 151 11.72 7.18 -14.23
CA ASP A 151 13.01 7.80 -13.91
C ASP A 151 12.82 8.90 -12.88
N LEU A 152 13.92 9.60 -12.58
CA LEU A 152 13.88 10.52 -11.44
C LEU A 152 13.15 11.81 -11.77
N ASN A 153 13.32 12.31 -12.99
CA ASN A 153 12.57 13.50 -13.36
C ASN A 153 11.08 13.23 -13.25
N ALA A 154 10.61 12.12 -13.83
CA ALA A 154 9.20 11.78 -13.74
C ALA A 154 8.80 11.54 -12.30
N ARG A 155 9.69 10.97 -11.50
CA ARG A 155 9.36 10.75 -10.10
C ARG A 155 9.07 12.05 -9.40
N VAL A 156 9.90 13.06 -9.66
CA VAL A 156 9.65 14.33 -9.02
C VAL A 156 8.33 14.90 -9.55
N ALA A 157 8.15 14.84 -10.88
CA ALA A 157 6.94 15.38 -11.51
C ALA A 157 5.69 14.79 -10.88
N ARG A 158 5.67 13.46 -10.77
CA ARG A 158 4.53 12.74 -10.20
C ARG A 158 4.36 13.06 -8.73
N PHE A 159 5.44 13.48 -8.07
CA PHE A 159 5.32 13.91 -6.69
C PHE A 159 4.58 15.25 -6.60
N PHE A 160 4.96 16.19 -7.48
CA PHE A 160 4.28 17.49 -7.53
C PHE A 160 2.81 17.32 -7.94
N LEU A 161 2.54 16.47 -8.90
CA LEU A 161 1.13 16.32 -9.28
C LEU A 161 0.34 15.64 -8.18
N ALA A 162 0.94 14.67 -7.47
CA ALA A 162 0.16 14.09 -6.40
C ALA A 162 -0.06 15.10 -5.29
N THR A 163 0.90 15.97 -4.99
CA THR A 163 0.58 16.88 -3.88
C THR A 163 -0.42 17.96 -4.33
N LEU A 164 -0.40 18.32 -5.61
CA LEU A 164 -1.36 19.27 -6.18
C LEU A 164 -2.73 18.62 -6.33
N ARG A 165 -2.84 17.31 -6.67
CA ARG A 165 -4.15 16.66 -6.69
C ARG A 165 -4.65 16.42 -5.28
N GLN A 166 -3.77 16.57 -4.27
CA GLN A 166 -4.27 16.54 -2.92
C GLN A 166 -4.85 17.91 -2.46
N ILE A 167 -4.16 19.06 -2.72
CA ILE A 167 -4.68 20.43 -2.52
C ILE A 167 -5.98 20.70 -3.33
N HIS A 168 -5.92 20.79 -4.67
CA HIS A 168 -7.11 20.70 -5.56
C HIS A 168 -7.79 19.34 -5.54
N GLY A 169 -7.36 18.42 -6.42
CA GLY A 169 -8.05 17.16 -6.70
C GLY A 169 -9.39 17.40 -7.37
N SER A 170 -9.92 16.43 -8.14
CA SER A 170 -11.28 16.57 -8.70
C SER A 170 -11.40 17.78 -9.67
N GLU A 171 -10.31 18.37 -10.16
CA GLU A 171 -10.47 19.56 -10.98
C GLU A 171 -9.31 19.82 -11.91
N MET A 172 -8.14 20.30 -11.27
CA MET A 172 -6.78 20.48 -11.76
C MET A 172 -6.84 21.66 -12.72
N PRO A 173 -6.29 22.77 -12.38
CA PRO A 173 -6.33 23.88 -13.33
C PRO A 173 -5.27 23.71 -14.40
N GLN A 174 -4.57 24.76 -14.52
CA GLN A 174 -3.58 24.91 -15.55
C GLN A 174 -2.26 25.31 -14.93
N SER A 175 -2.26 26.39 -14.17
CA SER A 175 -1.06 26.79 -13.48
C SER A 175 -1.55 26.91 -12.04
N ALA A 176 -0.94 26.16 -11.12
CA ALA A 176 -1.31 26.25 -9.71
C ALA A 176 -0.06 26.51 -8.89
N ASN A 177 -0.06 27.58 -8.12
CA ASN A 177 0.99 27.79 -7.15
C ASN A 177 0.85 26.75 -6.04
N LEU A 178 1.94 26.55 -5.33
CA LEU A 178 2.02 25.50 -4.32
C LEU A 178 3.03 25.86 -3.24
N ARG A 179 2.58 25.75 -1.99
CA ARG A 179 3.42 25.99 -0.81
C ARG A 179 3.94 24.65 -0.37
N LEU A 180 5.21 24.40 -0.62
CA LEU A 180 5.48 22.98 -0.50
C LEU A 180 5.92 22.56 0.90
N THR A 181 6.66 23.40 1.64
CA THR A 181 7.02 23.21 3.06
C THR A 181 8.08 22.13 3.38
N LEU A 182 8.59 21.48 2.36
CA LEU A 182 9.58 20.43 2.47
C LEU A 182 10.91 20.87 1.88
N SER A 183 12.02 20.48 2.53
CA SER A 183 13.29 20.74 1.87
C SER A 183 13.52 19.70 0.77
N GLN A 184 14.52 19.93 -0.09
CA GLN A 184 14.84 18.91 -1.08
C GLN A 184 15.39 17.66 -0.44
N THR A 185 15.95 17.74 0.76
CA THR A 185 16.39 16.52 1.40
C THR A 185 15.18 15.66 1.73
N ASP A 186 14.06 16.31 2.11
CA ASP A 186 12.78 15.65 2.42
C ASP A 186 12.12 15.02 1.19
N ILE A 187 12.29 15.65 0.02
CA ILE A 187 11.81 15.12 -1.25
C ILE A 187 12.70 13.97 -1.71
N ALA A 188 14.03 14.10 -1.51
CA ALA A 188 14.90 13.00 -1.85
C ALA A 188 14.53 11.78 -1.01
N SER A 189 14.33 11.98 0.27
CA SER A 189 13.87 10.92 1.16
C SER A 189 12.51 10.33 0.79
N ILE A 190 11.55 11.14 0.34
CA ILE A 190 10.28 10.54 -0.03
C ILE A 190 10.44 9.73 -1.30
N LEU A 191 11.16 10.23 -2.30
CA LEU A 191 11.20 9.58 -3.60
C LEU A 191 12.18 8.41 -3.66
N GLY A 192 12.88 8.17 -2.56
CA GLY A 192 13.84 7.09 -2.50
C GLY A 192 15.01 7.32 -3.44
N ALA A 193 15.54 8.55 -3.44
CA ALA A 193 16.68 9.02 -4.23
C ALA A 193 17.58 9.87 -3.34
N SER A 194 18.66 10.42 -3.95
CA SER A 194 19.73 11.19 -3.31
C SER A 194 19.51 12.68 -3.52
N ARG A 195 19.96 13.50 -2.53
CA ARG A 195 19.70 14.90 -2.58
C ARG A 195 20.22 15.62 -3.89
N PRO A 196 21.57 15.48 -4.17
CA PRO A 196 22.02 16.21 -5.39
C PRO A 196 21.23 15.85 -6.63
N LYS A 197 20.91 14.57 -6.84
CA LYS A 197 20.20 14.19 -8.06
C LYS A 197 18.75 14.67 -8.04
N VAL A 198 18.10 14.67 -6.87
CA VAL A 198 16.80 15.33 -6.76
C VAL A 198 16.92 16.81 -7.09
N ASN A 199 18.00 17.46 -6.66
CA ASN A 199 18.16 18.89 -6.90
C ASN A 199 18.28 19.18 -8.38
N ARG A 200 19.14 18.43 -9.05
CA ARG A 200 19.29 18.67 -10.48
C ARG A 200 18.03 18.26 -11.23
N ALA A 201 17.24 17.34 -10.70
CA ALA A 201 15.96 17.05 -11.33
C ALA A 201 14.98 18.22 -11.21
N ILE A 202 14.89 18.81 -10.01
CA ILE A 202 13.98 19.95 -9.79
C ILE A 202 14.40 21.10 -10.67
N LEU A 203 15.68 21.45 -10.61
CA LEU A 203 16.21 22.42 -11.53
C LEU A 203 15.87 22.05 -12.99
N SER A 204 16.04 20.77 -13.37
CA SER A 204 15.64 20.31 -14.70
C SER A 204 14.20 20.67 -15.02
N LEU A 205 13.29 20.41 -14.10
CA LEU A 205 11.89 20.72 -14.37
C LEU A 205 11.73 22.21 -14.55
N GLU A 206 12.52 22.98 -13.82
CA GLU A 206 12.39 24.43 -13.95
C GLU A 206 12.89 24.89 -15.33
N GLU A 207 14.11 24.47 -15.72
CA GLU A 207 14.74 24.92 -16.97
C GLU A 207 13.97 24.44 -18.20
N SER A 208 13.15 23.42 -18.03
CA SER A 208 12.32 22.88 -19.08
C SER A 208 10.93 23.49 -19.09
N GLY A 209 10.68 24.47 -18.22
CA GLY A 209 9.43 25.20 -18.22
C GLY A 209 8.29 24.52 -17.49
N ALA A 210 8.60 23.54 -16.65
CA ALA A 210 7.61 22.77 -15.92
C ALA A 210 7.15 23.48 -14.66
N ILE A 211 8.06 24.23 -14.03
CA ILE A 211 7.79 24.93 -12.78
C ILE A 211 8.59 26.25 -12.79
N LYS A 212 8.22 27.10 -11.80
CA LYS A 212 9.10 28.20 -11.42
C LYS A 212 9.04 28.38 -9.92
N ARG A 213 10.24 28.63 -9.32
CA ARG A 213 10.40 28.61 -7.87
C ARG A 213 10.72 30.05 -7.43
N ALA A 214 9.77 30.70 -6.74
CA ALA A 214 9.95 31.88 -5.89
C ALA A 214 10.04 31.39 -4.45
N ASP A 215 10.31 32.30 -3.51
CA ASP A 215 10.79 31.75 -2.24
C ASP A 215 9.70 31.17 -1.33
N GLY A 216 9.56 29.84 -1.36
CA GLY A 216 8.50 29.15 -0.64
C GLY A 216 7.38 28.68 -1.54
N ILE A 217 7.34 29.18 -2.76
CA ILE A 217 6.19 28.99 -3.62
C ILE A 217 6.73 28.47 -4.94
N ILE A 218 6.12 27.43 -5.46
CA ILE A 218 6.34 26.90 -6.80
C ILE A 218 5.08 27.01 -7.60
N CYS A 219 5.13 27.80 -8.68
CA CYS A 219 4.02 27.85 -9.62
C CYS A 219 4.23 26.67 -10.57
N CYS A 220 3.52 25.56 -10.32
CA CYS A 220 3.57 24.41 -11.20
C CYS A 220 2.72 24.62 -12.45
N ASN A 221 3.24 24.09 -13.56
CA ASN A 221 2.53 24.00 -14.83
C ASN A 221 1.97 22.61 -15.09
N VAL A 222 0.84 22.28 -14.47
CA VAL A 222 0.13 21.02 -14.70
C VAL A 222 -0.08 20.72 -16.16
N GLY A 223 0.89 20.10 -16.76
CA GLY A 223 0.50 19.47 -18.00
C GLY A 223 1.70 19.37 -18.92
N ARG A 224 2.40 20.49 -19.04
CA ARG A 224 3.81 20.26 -19.25
C ARG A 224 4.27 19.32 -18.21
N LEU A 225 3.74 19.50 -16.96
CA LEU A 225 4.27 18.63 -15.88
C LEU A 225 3.79 17.19 -16.10
N LEU A 226 2.65 17.02 -16.77
CA LEU A 226 2.15 15.64 -16.96
C LEU A 226 2.89 14.85 -18.05
N SER A 227 3.48 15.52 -19.00
CA SER A 227 4.24 14.75 -19.96
C SER A 227 5.71 14.67 -19.60
N ILE A 228 6.18 15.49 -18.65
CA ILE A 228 7.44 15.12 -18.00
C ILE A 228 7.24 13.91 -17.10
N ALA A 229 6.13 13.88 -16.37
CA ALA A 229 5.75 12.66 -15.68
C ALA A 229 5.48 11.41 -16.68
N ASP A 230 5.83 11.34 -18.01
CA ASP A 230 5.28 10.33 -18.93
C ASP A 230 6.20 10.28 -20.20
N PRO A 231 5.73 9.96 -21.48
CA PRO A 231 6.77 9.88 -22.54
C PRO A 231 6.57 10.84 -23.72
N GLU A 232 6.34 10.34 -24.95
CA GLU A 232 6.21 11.16 -26.18
C GLU A 232 7.36 12.17 -26.29
N ARG B 6 -20.32 -25.74 -5.45
CA ARG B 6 -19.22 -25.25 -4.62
C ARG B 6 -19.81 -24.19 -3.72
N SER B 7 -20.25 -24.66 -2.53
CA SER B 7 -20.71 -23.77 -1.46
C SER B 7 -20.66 -24.36 -0.07
N SER B 8 -19.50 -24.77 0.40
CA SER B 8 -19.51 -25.33 1.75
C SER B 8 -18.89 -24.28 2.66
N ALA B 9 -18.30 -24.77 3.68
CA ALA B 9 -16.99 -24.42 4.21
C ALA B 9 -15.96 -24.18 3.12
N PHE B 10 -16.44 -24.12 1.88
CA PHE B 10 -15.62 -23.80 0.72
C PHE B 10 -15.36 -22.33 0.65
N TRP B 11 -16.33 -21.52 1.07
CA TRP B 11 -16.13 -20.10 1.16
C TRP B 11 -15.13 -19.69 2.23
N ARG B 12 -14.78 -20.57 3.18
CA ARG B 12 -13.72 -20.20 4.12
C ARG B 12 -12.28 -20.28 3.50
N SER B 13 -12.12 -20.77 2.26
CA SER B 13 -10.76 -20.91 1.71
C SER B 13 -10.19 -19.56 1.29
N PHE B 14 -11.05 -18.58 0.96
CA PHE B 14 -10.61 -17.31 0.41
C PHE B 14 -10.29 -16.29 1.50
N PRO B 15 -9.34 -15.37 1.25
CA PRO B 15 -9.11 -14.30 2.22
C PRO B 15 -10.38 -13.46 2.45
N ILE B 16 -10.49 -12.82 3.62
CA ILE B 16 -11.61 -11.94 3.98
C ILE B 16 -12.80 -12.79 4.40
N PHE B 17 -13.32 -13.62 3.46
CA PHE B 17 -14.40 -14.55 3.70
C PHE B 17 -14.04 -15.59 4.73
N GLU B 18 -12.81 -16.12 4.76
CA GLU B 18 -12.38 -16.81 5.97
C GLU B 18 -12.76 -15.91 7.16
N GLU B 19 -12.65 -16.34 8.40
CA GLU B 19 -12.91 -15.28 9.37
C GLU B 19 -14.37 -14.78 9.39
N PHE B 20 -15.31 -15.47 8.75
CA PHE B 20 -16.71 -15.09 8.84
C PHE B 20 -17.42 -16.07 9.77
N ASP B 21 -18.44 -15.56 10.47
CA ASP B 21 -19.52 -16.38 11.02
C ASP B 21 -20.10 -17.31 9.97
N SER B 22 -20.52 -18.49 10.42
CA SER B 22 -21.11 -19.44 9.48
C SER B 22 -22.39 -18.91 8.83
N GLU B 23 -23.14 -17.97 9.43
CA GLU B 23 -24.42 -17.64 8.80
C GLU B 23 -24.20 -16.97 7.45
N THR B 24 -23.56 -15.80 7.48
CA THR B 24 -23.21 -15.05 6.28
C THR B 24 -22.39 -15.92 5.30
N LEU B 25 -21.39 -16.65 5.79
CA LEU B 25 -20.60 -17.55 4.94
C LEU B 25 -21.41 -18.50 4.08
N CYS B 26 -22.19 -19.40 4.71
CA CYS B 26 -22.69 -20.47 3.85
C CYS B 26 -23.75 -19.90 2.97
N GLU B 27 -24.81 -19.35 3.58
CA GLU B 27 -25.70 -18.42 2.88
C GLU B 27 -25.01 -17.54 1.87
N LEU B 28 -23.63 -17.28 1.93
CA LEU B 28 -22.82 -16.46 0.95
C LEU B 28 -22.56 -16.98 -0.43
N SER B 29 -22.35 -18.24 -0.63
CA SER B 29 -22.57 -18.62 -2.03
C SER B 29 -23.99 -18.30 -2.41
N GLY B 30 -24.61 -17.37 -1.71
CA GLY B 30 -25.85 -16.91 -2.29
C GLY B 30 -25.78 -16.04 -3.53
N ILE B 31 -24.67 -15.29 -3.66
CA ILE B 31 -24.46 -14.15 -4.54
C ILE B 31 -23.20 -14.22 -5.37
N ALA B 32 -22.74 -15.43 -5.68
CA ALA B 32 -21.72 -15.61 -6.69
C ALA B 32 -22.36 -16.09 -7.99
N SER B 33 -21.90 -15.54 -9.11
CA SER B 33 -22.08 -16.15 -10.43
C SER B 33 -20.78 -16.83 -10.86
N TYR B 34 -20.85 -17.92 -11.59
CA TYR B 34 -19.68 -18.48 -12.25
C TYR B 34 -19.20 -17.53 -13.37
N ARG B 35 -17.89 -17.43 -13.59
CA ARG B 35 -17.43 -17.11 -14.96
C ARG B 35 -16.10 -17.80 -15.27
N LYS B 36 -15.72 -17.69 -16.53
CA LYS B 36 -14.36 -18.15 -16.91
C LYS B 36 -13.76 -17.25 -17.99
N TRP B 37 -12.43 -17.26 -18.04
CA TRP B 37 -11.63 -16.45 -18.94
C TRP B 37 -10.58 -17.32 -19.62
N SER B 38 -10.53 -17.30 -20.98
CA SER B 38 -9.53 -18.12 -21.69
C SER B 38 -8.10 -17.67 -21.35
N ALA B 39 -7.15 -18.57 -21.52
CA ALA B 39 -5.74 -18.22 -21.36
C ALA B 39 -5.33 -17.08 -22.31
N GLY B 40 -4.81 -15.99 -21.73
CA GLY B 40 -4.32 -14.83 -22.43
C GLY B 40 -5.33 -13.73 -22.75
N THR B 41 -6.16 -13.29 -21.78
CA THR B 41 -7.25 -12.33 -22.02
C THR B 41 -7.42 -11.36 -20.84
N VAL B 42 -8.13 -10.26 -21.04
CA VAL B 42 -8.38 -9.30 -19.97
C VAL B 42 -9.69 -9.56 -19.27
N ILE B 43 -9.66 -9.49 -17.94
CA ILE B 43 -10.88 -9.43 -17.16
C ILE B 43 -11.32 -7.97 -17.16
N PHE B 44 -10.47 -7.10 -16.59
CA PHE B 44 -10.72 -5.66 -16.61
C PHE B 44 -9.42 -4.88 -16.69
N GLN B 45 -9.55 -3.59 -16.95
CA GLN B 45 -8.44 -2.69 -17.15
C GLN B 45 -8.35 -1.69 -16.01
N ARG B 46 -7.24 -0.98 -15.94
CA ARG B 46 -7.05 -0.13 -14.78
C ARG B 46 -7.93 1.11 -14.84
N GLY B 47 -8.18 1.62 -16.02
CA GLY B 47 -9.23 2.66 -16.09
C GLY B 47 -10.59 2.30 -15.44
N ASP B 48 -11.00 1.03 -15.44
CA ASP B 48 -12.39 0.60 -15.52
C ASP B 48 -13.19 0.86 -14.23
N GLN B 49 -14.51 0.70 -14.35
CA GLN B 49 -15.45 0.79 -13.24
C GLN B 49 -15.60 -0.59 -12.64
N GLY B 50 -15.35 -0.68 -11.35
CA GLY B 50 -15.44 -1.98 -10.74
C GLY B 50 -16.62 -2.11 -9.79
N ASP B 51 -17.71 -2.74 -10.21
CA ASP B 51 -18.84 -2.98 -9.30
C ASP B 51 -19.01 -4.47 -9.06
N TYR B 52 -17.89 -5.17 -9.06
CA TYR B 52 -17.95 -6.60 -8.96
C TYR B 52 -16.58 -7.01 -8.46
N MET B 53 -16.51 -8.07 -7.66
CA MET B 53 -15.26 -8.54 -7.08
C MET B 53 -15.09 -10.01 -7.40
N ILE B 54 -13.89 -10.43 -7.76
CA ILE B 54 -13.64 -11.77 -8.29
C ILE B 54 -13.01 -12.63 -7.19
N VAL B 55 -13.29 -13.92 -7.22
CA VAL B 55 -12.79 -14.91 -6.26
C VAL B 55 -12.36 -16.14 -7.09
N VAL B 56 -11.06 -16.52 -7.03
CA VAL B 56 -10.45 -17.43 -8.04
C VAL B 56 -10.56 -18.89 -7.67
N VAL B 57 -11.17 -19.68 -8.55
CA VAL B 57 -11.30 -21.13 -8.36
C VAL B 57 -10.21 -21.92 -9.10
N SER B 58 -10.00 -21.64 -10.39
CA SER B 58 -9.01 -22.36 -11.16
C SER B 58 -8.21 -21.37 -12.00
N GLY B 59 -6.91 -21.64 -12.22
CA GLY B 59 -6.10 -20.83 -13.14
C GLY B 59 -5.17 -19.82 -12.48
N ARG B 60 -4.55 -18.97 -13.31
CA ARG B 60 -3.60 -17.97 -12.83
C ARG B 60 -4.04 -16.64 -13.44
N ILE B 61 -4.24 -15.64 -12.59
CA ILE B 61 -4.58 -14.30 -13.06
C ILE B 61 -3.59 -13.31 -12.50
N LYS B 62 -3.03 -12.50 -13.37
CA LYS B 62 -2.03 -11.55 -12.99
C LYS B 62 -2.72 -10.21 -12.81
N LEU B 63 -2.46 -9.58 -11.67
CA LEU B 63 -2.75 -8.18 -11.42
C LEU B 63 -1.48 -7.37 -11.60
N SER B 64 -1.53 -6.37 -12.50
CA SER B 64 -0.35 -5.63 -12.93
C SER B 64 -0.73 -4.18 -13.26
N LEU B 65 0.26 -3.26 -13.08
CA LEU B 65 0.21 -1.85 -13.48
C LEU B 65 0.98 -1.68 -14.77
N PHE B 66 0.33 -1.09 -15.78
CA PHE B 66 1.00 -0.76 -17.04
C PHE B 66 1.10 0.73 -17.23
N THR B 67 2.31 1.18 -17.73
CA THR B 67 2.48 2.63 -17.96
C THR B 67 2.42 2.98 -19.44
N PRO B 68 1.97 4.21 -19.75
CA PRO B 68 1.97 4.66 -21.16
C PRO B 68 3.28 4.35 -21.87
N GLN B 69 4.42 4.53 -21.20
CA GLN B 69 5.70 4.20 -21.83
C GLN B 69 5.74 2.76 -22.35
N GLY B 70 4.91 1.86 -21.77
CA GLY B 70 4.93 0.42 -22.05
C GLY B 70 5.37 -0.47 -20.89
N ARG B 71 5.75 0.08 -19.73
CA ARG B 71 6.38 -0.74 -18.69
C ARG B 71 5.36 -1.38 -17.74
N GLU B 72 5.77 -2.49 -17.12
CA GLU B 72 4.84 -3.34 -16.36
C GLU B 72 5.38 -3.52 -14.96
N LEU B 73 4.50 -3.47 -13.94
CA LEU B 73 4.79 -3.88 -12.55
C LEU B 73 3.82 -4.99 -12.21
N MET B 74 4.26 -6.25 -12.13
CA MET B 74 3.32 -7.31 -11.71
C MET B 74 3.04 -7.17 -10.22
N LEU B 75 1.77 -6.90 -9.89
CA LEU B 75 1.40 -6.73 -8.49
C LEU B 75 1.24 -8.09 -7.83
N ARG B 76 0.49 -9.01 -8.47
CA ARG B 76 0.38 -10.36 -7.95
C ARG B 76 0.08 -11.35 -9.06
N GLN B 77 0.41 -12.62 -8.82
CA GLN B 77 -0.09 -13.76 -9.57
C GLN B 77 -1.01 -14.57 -8.67
N HIS B 78 -2.33 -14.49 -8.89
CA HIS B 78 -3.28 -15.17 -8.01
C HIS B 78 -3.72 -16.48 -8.62
N GLU B 79 -3.89 -17.48 -7.76
CA GLU B 79 -4.37 -18.74 -8.27
C GLU B 79 -5.57 -19.16 -7.44
N ALA B 80 -5.78 -20.45 -7.23
CA ALA B 80 -6.95 -20.83 -6.45
C ALA B 80 -6.84 -20.29 -5.03
N GLY B 81 -7.94 -19.68 -4.55
CA GLY B 81 -8.05 -19.28 -3.16
C GLY B 81 -7.76 -17.82 -2.92
N ALA B 82 -7.93 -17.01 -3.96
CA ALA B 82 -7.50 -15.64 -3.99
C ALA B 82 -8.69 -14.72 -4.24
N LEU B 83 -8.50 -13.46 -3.91
CA LEU B 83 -9.60 -12.53 -3.89
C LEU B 83 -9.10 -11.20 -4.42
N PHE B 84 -9.79 -10.65 -5.42
CA PHE B 84 -9.21 -9.44 -6.00
C PHE B 84 -10.38 -8.59 -6.55
N GLY B 85 -10.14 -7.32 -6.76
CA GLY B 85 -11.21 -6.46 -7.22
C GLY B 85 -12.10 -5.90 -6.13
N GLU B 86 -11.67 -5.92 -4.89
CA GLU B 86 -12.49 -5.48 -3.79
C GLU B 86 -12.29 -4.02 -3.46
N MET B 87 -11.22 -3.36 -3.93
CA MET B 87 -11.02 -1.97 -3.51
C MET B 87 -12.06 -1.05 -4.16
N ALA B 88 -12.21 -1.15 -5.47
CA ALA B 88 -13.22 -0.34 -6.14
C ALA B 88 -14.63 -0.71 -5.71
N LEU B 89 -14.81 -1.89 -5.14
CA LEU B 89 -16.10 -2.15 -4.49
C LEU B 89 -16.30 -1.25 -3.28
N LEU B 90 -15.39 -1.34 -2.31
CA LEU B 90 -15.59 -0.66 -1.03
C LEU B 90 -15.57 0.84 -1.16
N ASP B 91 -14.78 1.31 -2.08
CA ASP B 91 -14.35 2.67 -2.27
C ASP B 91 -14.85 3.12 -3.64
N GLY B 92 -15.38 4.31 -3.79
CA GLY B 92 -16.13 4.48 -5.02
C GLY B 92 -15.30 4.40 -6.29
N GLN B 93 -13.97 4.34 -6.11
CA GLN B 93 -12.99 4.73 -7.11
C GLN B 93 -12.84 3.70 -8.21
N PRO B 94 -12.22 4.07 -9.35
CA PRO B 94 -12.03 3.08 -10.40
C PRO B 94 -11.08 1.98 -9.95
N ARG B 95 -10.97 0.94 -10.77
CA ARG B 95 -10.00 -0.11 -10.58
C ARG B 95 -8.60 0.49 -10.48
N SER B 96 -7.78 -0.13 -9.65
CA SER B 96 -6.47 0.34 -9.30
C SER B 96 -5.35 -0.46 -9.96
N ALA B 97 -5.72 -1.53 -10.65
CA ALA B 97 -4.73 -2.28 -11.38
C ALA B 97 -5.45 -2.97 -12.52
N ASP B 98 -4.74 -3.84 -13.19
CA ASP B 98 -5.18 -4.43 -14.43
C ASP B 98 -5.16 -5.94 -14.21
N ALA B 99 -6.24 -6.62 -14.56
CA ALA B 99 -6.34 -8.05 -14.30
C ALA B 99 -6.40 -8.79 -15.60
N THR B 100 -5.44 -9.68 -15.79
CA THR B 100 -5.23 -10.39 -17.04
C THR B 100 -5.26 -11.84 -16.64
N ALA B 101 -5.97 -12.69 -17.37
CA ALA B 101 -5.82 -14.12 -17.15
C ALA B 101 -4.62 -14.57 -17.95
N VAL B 102 -3.66 -15.24 -17.30
CA VAL B 102 -2.48 -15.68 -18.03
C VAL B 102 -2.70 -17.07 -18.59
N THR B 103 -3.42 -17.90 -17.83
CA THR B 103 -3.86 -19.24 -18.22
C THR B 103 -5.37 -19.33 -18.07
N ALA B 104 -5.93 -20.40 -18.62
CA ALA B 104 -7.38 -20.58 -18.57
C ALA B 104 -7.84 -20.55 -17.12
N ALA B 105 -8.74 -19.63 -16.81
CA ALA B 105 -9.11 -19.42 -15.43
C ALA B 105 -10.62 -19.41 -15.30
N GLU B 106 -11.06 -19.77 -14.11
CA GLU B 106 -12.46 -19.73 -13.72
C GLU B 106 -12.55 -19.15 -12.32
N GLY B 107 -13.63 -18.40 -12.07
CA GLY B 107 -13.86 -17.84 -10.75
C GLY B 107 -15.33 -17.64 -10.50
N TYR B 108 -15.61 -16.93 -9.41
CA TYR B 108 -16.96 -16.54 -9.03
C TYR B 108 -16.96 -15.05 -8.77
N VAL B 109 -17.99 -14.35 -9.26
CA VAL B 109 -18.06 -12.89 -9.20
C VAL B 109 -19.08 -12.51 -8.15
N ILE B 110 -18.88 -11.38 -7.46
CA ILE B 110 -19.84 -10.93 -6.46
C ILE B 110 -20.11 -9.45 -6.68
N GLY B 111 -21.40 -9.08 -6.64
CA GLY B 111 -21.78 -7.74 -7.03
C GLY B 111 -21.49 -6.76 -5.94
N LYS B 112 -21.43 -5.49 -6.32
CA LYS B 112 -21.20 -4.43 -5.34
C LYS B 112 -22.35 -4.35 -4.33
N LYS B 113 -23.60 -4.24 -4.82
CA LYS B 113 -24.74 -3.95 -3.94
C LYS B 113 -24.95 -5.08 -2.94
N ASP B 114 -24.89 -6.34 -3.42
CA ASP B 114 -25.01 -7.50 -2.55
C ASP B 114 -23.92 -7.51 -1.48
N PHE B 115 -22.66 -7.43 -1.92
CA PHE B 115 -21.55 -7.48 -0.98
C PHE B 115 -21.78 -6.50 0.14
N LEU B 116 -21.80 -5.23 -0.25
CA LEU B 116 -21.88 -4.15 0.72
C LEU B 116 -23.08 -4.32 1.63
N ALA B 117 -24.28 -4.59 1.09
CA ALA B 117 -25.42 -4.90 1.94
C ALA B 117 -25.06 -5.95 2.98
N LEU B 118 -24.29 -6.98 2.60
CA LEU B 118 -23.87 -8.03 3.54
C LEU B 118 -22.95 -7.51 4.62
N ILE B 119 -21.96 -6.68 4.23
CA ILE B 119 -21.18 -5.94 5.24
C ILE B 119 -22.08 -5.18 6.19
N THR B 120 -22.98 -4.36 5.67
CA THR B 120 -23.64 -3.48 6.62
C THR B 120 -24.72 -4.23 7.40
N GLN B 121 -25.10 -5.42 6.94
CA GLN B 121 -26.05 -6.26 7.66
C GLN B 121 -25.41 -7.00 8.82
N ARG B 122 -24.28 -7.68 8.61
CA ARG B 122 -23.54 -8.30 9.72
C ARG B 122 -22.28 -7.59 9.91
N PRO B 123 -22.21 -6.55 10.80
CA PRO B 123 -21.13 -5.58 10.72
C PRO B 123 -19.82 -6.02 11.31
N LYS B 124 -19.75 -7.06 12.11
CA LYS B 124 -18.42 -7.55 12.44
C LYS B 124 -17.72 -8.27 11.26
N THR B 125 -18.37 -8.37 10.10
CA THR B 125 -17.61 -8.76 8.94
C THR B 125 -16.77 -7.60 8.43
N ALA B 126 -17.23 -6.37 8.63
CA ALA B 126 -16.38 -5.20 8.32
C ALA B 126 -15.02 -5.39 8.95
N GLU B 127 -15.04 -5.87 10.18
CA GLU B 127 -13.85 -6.05 10.95
C GLU B 127 -12.90 -6.96 10.17
N ALA B 128 -13.38 -8.13 9.72
CA ALA B 128 -12.59 -8.96 8.82
C ALA B 128 -11.98 -8.15 7.68
N VAL B 129 -12.83 -7.50 6.89
CA VAL B 129 -12.32 -6.73 5.75
C VAL B 129 -11.23 -5.77 6.16
N ILE B 130 -11.36 -5.09 7.30
CA ILE B 130 -10.33 -4.15 7.71
C ILE B 130 -9.00 -4.89 7.98
N ARG B 131 -9.05 -5.98 8.76
CA ARG B 131 -7.81 -6.71 9.00
C ARG B 131 -7.13 -7.13 7.69
N PHE B 132 -7.92 -7.32 6.64
CA PHE B 132 -7.37 -7.58 5.32
C PHE B 132 -6.70 -6.32 4.75
N LEU B 133 -7.40 -5.18 4.74
CA LEU B 133 -6.77 -4.02 4.11
C LEU B 133 -5.49 -3.61 4.86
N CYS B 134 -5.50 -3.63 6.18
CA CYS B 134 -4.24 -3.46 6.93
C CYS B 134 -3.14 -4.40 6.43
N ALA B 135 -3.45 -5.70 6.38
CA ALA B 135 -2.51 -6.67 5.86
C ALA B 135 -1.95 -6.17 4.54
N GLN B 136 -2.83 -5.81 3.58
CA GLN B 136 -2.33 -5.36 2.29
C GLN B 136 -1.40 -4.16 2.43
N LEU B 137 -1.84 -3.17 3.18
CA LEU B 137 -1.06 -1.95 3.34
C LEU B 137 0.36 -2.28 3.83
N ARG B 138 0.47 -3.19 4.81
CA ARG B 138 1.80 -3.59 5.29
C ARG B 138 2.59 -4.23 4.18
N ASP B 139 2.04 -5.31 3.59
CA ASP B 139 2.62 -5.96 2.43
C ASP B 139 3.15 -4.95 1.46
N THR B 140 2.33 -3.92 1.15
CA THR B 140 2.73 -3.06 0.06
C THR B 140 3.84 -2.11 0.52
N THR B 141 3.73 -1.57 1.74
CA THR B 141 4.81 -0.74 2.22
C THR B 141 6.08 -1.55 2.36
N ASP B 142 6.02 -2.88 2.69
CA ASP B 142 7.33 -3.52 2.79
C ASP B 142 7.93 -3.71 1.41
N ARG B 143 7.07 -4.00 0.42
CA ARG B 143 7.52 -3.97 -0.97
C ARG B 143 8.23 -2.67 -1.28
N LEU B 144 7.63 -1.55 -0.87
CA LEU B 144 8.14 -0.24 -1.30
C LEU B 144 9.50 0.02 -0.68
N GLU B 145 9.60 -0.23 0.62
CA GLU B 145 10.91 -0.28 1.25
C GLU B 145 11.84 -1.24 0.56
N THR B 146 11.42 -2.50 0.31
CA THR B 146 12.33 -3.37 -0.44
C THR B 146 12.85 -2.70 -1.71
N ILE B 147 11.96 -2.08 -2.48
CA ILE B 147 12.46 -1.67 -3.79
C ILE B 147 13.34 -0.45 -3.64
N ALA B 148 13.16 0.33 -2.58
CA ALA B 148 13.81 1.62 -2.43
C ALA B 148 15.16 1.54 -1.71
N LEU B 149 15.24 0.82 -0.59
CA LEU B 149 16.44 0.84 0.23
C LEU B 149 17.37 -0.34 0.00
N TYR B 150 17.06 -1.27 -0.87
CA TYR B 150 17.92 -2.41 -1.03
C TYR B 150 18.38 -2.57 -2.47
N ASP B 151 19.49 -3.30 -2.66
CA ASP B 151 20.00 -3.66 -3.98
C ASP B 151 19.24 -4.85 -4.53
N LEU B 152 19.67 -5.34 -5.70
CA LEU B 152 18.86 -6.33 -6.40
C LEU B 152 19.00 -7.70 -5.78
N ASN B 153 20.20 -8.06 -5.34
CA ASN B 153 20.35 -9.35 -4.67
C ASN B 153 19.45 -9.41 -3.45
N ALA B 154 19.51 -8.37 -2.60
CA ALA B 154 18.64 -8.35 -1.43
C ALA B 154 17.18 -8.33 -1.83
N ARG B 155 16.85 -7.63 -2.93
CA ARG B 155 15.47 -7.61 -3.37
C ARG B 155 14.97 -9.01 -3.67
N VAL B 156 15.79 -9.79 -4.36
CA VAL B 156 15.35 -11.13 -4.66
C VAL B 156 15.25 -11.91 -3.35
N ALA B 157 16.26 -11.79 -2.49
CA ALA B 157 16.27 -12.51 -1.21
C ALA B 157 15.00 -12.25 -0.42
N ARG B 158 14.65 -10.97 -0.29
CA ARG B 158 13.47 -10.55 0.46
C ARG B 158 12.20 -11.03 -0.23
N PHE B 159 12.27 -11.27 -1.55
CA PHE B 159 11.12 -11.83 -2.23
C PHE B 159 10.92 -13.30 -1.85
N PHE B 160 12.02 -14.06 -1.82
CA PHE B 160 11.94 -15.46 -1.40
C PHE B 160 11.51 -15.58 0.07
N LEU B 161 12.03 -14.72 0.93
CA LEU B 161 11.61 -14.83 2.32
C LEU B 161 10.16 -14.43 2.48
N ALA B 162 9.69 -13.43 1.74
CA ALA B 162 8.29 -13.10 1.89
C ALA B 162 7.42 -14.24 1.35
N THR B 163 7.83 -14.91 0.27
CA THR B 163 6.90 -15.96 -0.18
C THR B 163 6.95 -17.18 0.75
N LEU B 164 8.11 -17.42 1.37
CA LEU B 164 8.27 -18.49 2.34
C LEU B 164 7.58 -18.13 3.67
N ARG B 165 7.08 -16.90 3.76
CA ARG B 165 5.98 -16.63 4.69
C ARG B 165 4.58 -16.68 4.07
N GLN B 166 4.42 -16.48 2.76
CA GLN B 166 3.13 -16.88 2.17
C GLN B 166 2.90 -18.39 2.36
N ILE B 167 3.90 -19.16 2.87
CA ILE B 167 3.71 -20.63 3.02
C ILE B 167 3.78 -21.10 4.49
N HIS B 168 4.96 -21.06 5.15
CA HIS B 168 5.08 -21.14 6.62
C HIS B 168 4.47 -19.97 7.37
N GLY B 169 5.27 -18.91 7.60
CA GLY B 169 4.93 -17.81 8.49
C GLY B 169 4.84 -18.25 9.94
N SER B 170 5.05 -17.37 10.93
CA SER B 170 4.86 -17.74 12.34
C SER B 170 5.83 -18.86 12.80
N GLU B 171 6.80 -19.20 11.94
CA GLU B 171 8.24 -18.87 11.89
C GLU B 171 9.33 -19.96 11.78
N MET B 172 9.30 -20.50 10.59
CA MET B 172 10.44 -20.36 9.69
C MET B 172 11.42 -21.43 10.10
N PRO B 173 11.62 -22.42 9.30
CA PRO B 173 12.60 -23.43 9.70
C PRO B 173 14.00 -22.96 9.40
N GLN B 174 14.66 -23.81 8.75
CA GLN B 174 16.06 -23.66 8.46
C GLN B 174 16.27 -23.84 6.97
N SER B 175 15.83 -24.95 6.41
CA SER B 175 15.94 -25.15 4.98
C SER B 175 14.50 -25.49 4.62
N ALA B 176 13.90 -24.71 3.71
CA ALA B 176 12.55 -24.99 3.26
C ALA B 176 12.54 -25.04 1.74
N ASN B 177 12.08 -26.16 1.19
CA ASN B 177 11.84 -26.22 -0.23
C ASN B 177 10.65 -25.33 -0.57
N LEU B 178 10.56 -24.96 -1.84
CA LEU B 178 9.57 -24.01 -2.30
C LEU B 178 9.23 -24.24 -3.76
N ARG B 179 7.94 -24.33 -4.04
CA ARG B 179 7.41 -24.48 -5.40
C ARG B 179 7.06 -23.11 -5.91
N LEU B 180 7.86 -22.57 -6.78
CA LEU B 180 7.64 -21.14 -6.88
C LEU B 180 6.62 -20.76 -7.96
N THR B 181 6.52 -21.49 -9.08
CA THR B 181 5.48 -21.35 -10.11
C THR B 181 5.56 -20.11 -11.02
N LEU B 182 6.56 -19.27 -10.81
CA LEU B 182 6.77 -18.05 -11.56
C LEU B 182 8.03 -18.15 -12.41
N SER B 183 7.97 -17.60 -13.63
CA SER B 183 9.22 -17.52 -14.38
C SER B 183 10.07 -16.37 -13.84
N GLN B 184 11.34 -16.32 -14.25
CA GLN B 184 12.15 -15.17 -13.85
C GLN B 184 11.68 -13.89 -14.49
N THR B 185 10.96 -13.95 -15.60
CA THR B 185 10.43 -12.72 -16.15
C THR B 185 9.37 -12.17 -15.20
N ASP B 186 8.60 -13.07 -14.55
CA ASP B 186 7.57 -12.73 -13.57
C ASP B 186 8.16 -12.15 -12.27
N ILE B 187 9.34 -12.63 -11.87
CA ILE B 187 10.08 -12.11 -10.72
C ILE B 187 10.70 -10.76 -11.07
N ALA B 188 11.23 -10.62 -12.29
CA ALA B 188 11.76 -9.34 -12.70
C ALA B 188 10.65 -8.29 -12.66
N SER B 189 9.49 -8.64 -13.21
CA SER B 189 8.33 -7.78 -13.16
C SER B 189 7.83 -7.46 -11.76
N ILE B 190 7.87 -8.41 -10.82
CA ILE B 190 7.43 -8.06 -9.49
C ILE B 190 8.43 -7.13 -8.82
N LEU B 191 9.73 -7.39 -8.97
CA LEU B 191 10.73 -6.64 -8.21
C LEU B 191 11.06 -5.29 -8.85
N GLY B 192 10.45 -5.00 -9.99
CA GLY B 192 10.70 -3.74 -10.67
C GLY B 192 12.11 -3.65 -11.18
N ALA B 193 12.61 -4.73 -11.79
CA ALA B 193 13.94 -4.89 -12.38
C ALA B 193 13.80 -5.59 -13.72
N SER B 194 14.97 -5.86 -14.36
CA SER B 194 15.12 -6.43 -15.70
C SER B 194 15.44 -7.92 -15.62
N ARG B 195 15.00 -8.71 -16.62
CA ARG B 195 15.16 -10.12 -16.57
C ARG B 195 16.66 -10.59 -16.40
N PRO B 196 17.55 -10.16 -17.35
CA PRO B 196 18.95 -10.67 -17.18
C PRO B 196 19.52 -10.39 -15.82
N LYS B 197 19.31 -9.18 -15.26
CA LYS B 197 19.89 -8.86 -13.97
C LYS B 197 19.24 -9.63 -12.83
N VAL B 198 17.92 -9.87 -12.91
CA VAL B 198 17.29 -10.79 -11.97
C VAL B 198 17.89 -12.19 -12.09
N ASN B 199 18.20 -12.62 -13.31
CA ASN B 199 18.74 -13.97 -13.51
C ASN B 199 20.10 -14.09 -12.86
N ARG B 200 20.99 -13.17 -13.22
CA ARG B 200 22.30 -13.15 -12.59
C ARG B 200 22.19 -13.06 -11.06
N ALA B 201 21.19 -12.33 -10.51
CA ALA B 201 21.02 -12.26 -9.06
C ALA B 201 20.63 -13.62 -8.47
N ILE B 202 19.67 -14.31 -9.11
CA ILE B 202 19.25 -15.63 -8.63
C ILE B 202 20.40 -16.59 -8.65
N LEU B 203 21.06 -16.67 -9.80
CA LEU B 203 22.29 -17.43 -9.88
C LEU B 203 23.27 -17.02 -8.78
N SER B 204 23.44 -15.70 -8.54
CA SER B 204 24.29 -15.22 -7.43
C SER B 204 23.89 -15.85 -6.11
N LEU B 205 22.59 -15.87 -5.81
CA LEU B 205 22.17 -16.43 -4.54
C LEU B 205 22.51 -17.91 -4.51
N GLU B 206 22.44 -18.57 -5.66
CA GLU B 206 22.75 -19.98 -5.67
C GLU B 206 24.24 -20.21 -5.41
N GLU B 207 25.12 -19.51 -6.17
CA GLU B 207 26.57 -19.72 -6.09
C GLU B 207 27.12 -19.32 -4.73
N SER B 208 26.38 -18.49 -4.00
CA SER B 208 26.74 -18.06 -2.67
C SER B 208 26.16 -18.95 -1.59
N GLY B 209 25.47 -20.02 -1.98
CA GLY B 209 24.97 -21.00 -1.02
C GLY B 209 23.65 -20.63 -0.38
N ALA B 210 22.93 -19.68 -0.96
CA ALA B 210 21.67 -19.21 -0.41
C ALA B 210 20.51 -20.10 -0.80
N ILE B 211 20.57 -20.69 -1.99
CA ILE B 211 19.51 -21.53 -2.52
C ILE B 211 20.16 -22.65 -3.36
N LYS B 212 19.41 -23.73 -3.63
CA LYS B 212 19.73 -24.47 -4.89
C LYS B 212 18.43 -24.83 -5.58
N ARG B 213 18.52 -24.91 -6.92
CA ARG B 213 17.39 -24.98 -7.82
C ARG B 213 17.44 -26.35 -8.52
N ALA B 214 16.49 -27.24 -8.18
CA ALA B 214 16.08 -28.42 -8.93
C ALA B 214 14.83 -28.06 -9.72
N ASP B 215 14.33 -28.96 -10.56
CA ASP B 215 13.40 -28.44 -11.58
C ASP B 215 11.99 -28.17 -11.07
N GLY B 216 11.69 -26.91 -10.75
CA GLY B 216 10.43 -26.51 -10.17
C GLY B 216 10.52 -26.22 -8.69
N ILE B 217 11.62 -26.60 -8.07
CA ILE B 217 11.72 -26.59 -6.62
C ILE B 217 13.03 -25.87 -6.31
N ILE B 218 12.94 -24.92 -5.37
CA ILE B 218 14.10 -24.26 -4.78
C ILE B 218 14.15 -24.57 -3.31
N CYS B 219 15.23 -25.24 -2.88
CA CYS B 219 15.47 -25.42 -1.45
C CYS B 219 16.16 -24.16 -0.96
N CYS B 220 15.38 -23.25 -0.36
CA CYS B 220 15.95 -22.05 0.23
C CYS B 220 16.59 -22.33 1.57
N ASN B 221 17.70 -21.60 1.80
CA ASN B 221 18.38 -21.57 3.09
C ASN B 221 18.07 -20.30 3.87
N VAL B 222 16.91 -20.27 4.55
CA VAL B 222 16.51 -19.17 5.42
C VAL B 222 17.59 -18.80 6.42
N GLY B 223 18.47 -17.94 6.01
CA GLY B 223 19.20 -17.31 7.08
C GLY B 223 20.56 -16.88 6.58
N ARG B 224 21.29 -17.85 6.15
CA ARG B 224 21.95 -17.96 4.85
C ARG B 224 21.30 -17.06 3.71
N LEU B 225 19.98 -16.74 3.81
CA LEU B 225 19.18 -15.87 2.92
C LEU B 225 18.86 -14.55 3.62
N LEU B 226 18.82 -14.57 4.96
CA LEU B 226 18.47 -13.32 5.66
C LEU B 226 19.61 -12.31 5.72
N SER B 227 20.84 -12.75 5.65
CA SER B 227 21.89 -11.76 5.63
C SER B 227 22.32 -11.41 4.23
N ILE B 228 21.91 -12.18 3.22
CA ILE B 228 21.95 -11.61 1.87
C ILE B 228 20.86 -10.55 1.72
N ALA B 229 19.68 -10.81 2.26
CA ALA B 229 18.68 -9.77 2.37
C ALA B 229 19.16 -8.52 3.29
N ASP B 230 20.45 -8.27 3.72
CA ASP B 230 20.75 -7.33 4.80
C ASP B 230 22.27 -6.98 4.73
N PRO B 231 23.06 -6.65 5.83
CA PRO B 231 24.47 -6.26 5.55
C PRO B 231 25.52 -7.15 6.21
#